data_7HKO
#
_entry.id   7HKO
#
_cell.length_a   82.480
_cell.length_b   116.064
_cell.length_c   147.609
_cell.angle_alpha   90.00
_cell.angle_beta   90.00
_cell.angle_gamma   90.00
#
_symmetry.space_group_name_H-M   'I 2 2 2'
#
loop_
_entity.id
_entity.type
_entity.pdbx_description
1 polymer 'Genome polyprotein'
2 non-polymer 'ZINC ION'
3 non-polymer '2-(N-MORPHOLINO)-ETHANESULFONIC ACID'
4 non-polymer 'DIMETHYL SULFOXIDE'
5 non-polymer 'PHOSPHATE ION'
6 non-polymer DI(HYDROXYETHYL)ETHER
7 non-polymer [4-(propan-2-yl)piperazin-1-yl](thiophen-2-yl)methanone
8 water water
#
_entity_poly.entity_id   1
_entity_poly.type   'polypeptide(L)'
_entity_poly.pdbx_seq_one_letter_code
;GPGIESETPNLDIIGKRIEKIKQEHETSWHYDQDHPYKTWAYHGSYETKQTGSASSMVNGVVRLLTKPWDIIPMVTQMAM
TDTTPFGQQRVFKEKVDTRTQEPKEGTKKLMKITAEWLWKELGKKKTPRMCTREEFTRKVRSNAALGAIFTDENKWKSAR
EAVEDSGFWELVDKERNLHLEGKCETCVYNMMGKREKKLGEFGKAKGSRAIWYMWLGARFLEFEALGFLNEDHWFSRENS
LSGVEGEGLHKLGYILRDVSKKEGGAMYADDTAGWDTRITLEDLKNEEMVTNHMEGEHKKLAEAIFKLTYQNKVVRVQRP
TPRGTVMDIISRRDQRGSGQVVTYGLNTFTNMEAQLIRQMEGEGVFKSIQHLTVTEEIAVKNWLVRVGRERLSRMAISGD
DCVVKPLDDRFASALTALNDMGKVRKDIQQWEPSRGWNDWTQVPFCSHHFHELIMKDGRVLVVPCRNQDELIGRARISQG
AGWSLRETACLGKSYAQMWSLMYFHRRDLRLAANAICSAVPSHWVPTSRTTWSIHATHEWMTTEDMLTVWNRVWIQENPW
MEDKTPVESWEEIPYLGKREDQWCGSLIGLTSRATWAKNIQTAINQVRSLIGNEEYTDYMPSMKRFRREEEEAGVLW
;
_entity_poly.pdbx_strand_id   A
#
loop_
_chem_comp.id
_chem_comp.type
_chem_comp.name
_chem_comp.formula
DMS non-polymer 'DIMETHYL SULFOXIDE' 'C2 H6 O S'
MES non-polymer '2-(N-MORPHOLINO)-ETHANESULFONIC ACID' 'C6 H13 N O4 S'
NUY non-polymer [4-(propan-2-yl)piperazin-1-yl](thiophen-2-yl)methanone 'C12 H18 N2 O S'
PEG non-polymer DI(HYDROXYETHYL)ETHER 'C4 H10 O3'
PO4 non-polymer 'PHOSPHATE ION' 'O4 P -3'
ZN non-polymer 'ZINC ION' 'Zn 2'
#
# COMPACT_ATOMS: atom_id res chain seq x y z
N ASN A 10 2.35 -7.10 -30.40
CA ASN A 10 0.89 -6.90 -30.63
C ASN A 10 0.23 -8.29 -30.78
N LEU A 11 -0.67 -8.47 -31.75
CA LEU A 11 -1.88 -9.36 -31.67
C LEU A 11 -1.51 -10.84 -31.60
N ASP A 12 -0.31 -11.23 -32.01
CA ASP A 12 0.14 -12.63 -31.90
C ASP A 12 0.12 -13.04 -30.42
N ILE A 13 0.49 -12.14 -29.49
CA ILE A 13 0.63 -12.44 -28.03
C ILE A 13 -0.73 -12.28 -27.33
N ILE A 14 -1.57 -11.35 -27.76
CA ILE A 14 -2.88 -11.06 -27.09
C ILE A 14 -4.05 -11.66 -27.87
N GLY A 15 -3.87 -12.00 -29.15
CA GLY A 15 -4.95 -12.45 -30.07
C GLY A 15 -5.76 -13.61 -29.52
N LYS A 16 -5.08 -14.66 -29.05
CA LYS A 16 -5.70 -15.88 -28.46
C LYS A 16 -6.67 -15.46 -27.33
N ARG A 17 -6.21 -14.62 -26.41
CA ARG A 17 -7.02 -14.05 -25.31
C ARG A 17 -8.20 -13.29 -25.91
N ILE A 18 -7.95 -12.52 -26.97
CA ILE A 18 -8.97 -11.68 -27.67
C ILE A 18 -9.96 -12.60 -28.37
N GLU A 19 -9.46 -13.55 -29.19
CA GLU A 19 -10.26 -14.55 -29.95
C GLU A 19 -11.23 -15.26 -29.01
N LYS A 20 -10.74 -15.75 -27.85
CA LYS A 20 -11.54 -16.54 -26.89
C LYS A 20 -12.76 -15.71 -26.44
N ILE A 21 -12.54 -14.45 -26.06
CA ILE A 21 -13.60 -13.58 -25.45
C ILE A 21 -14.66 -13.29 -26.52
N LYS A 22 -14.22 -12.99 -27.75
CA LYS A 22 -15.09 -12.72 -28.92
C LYS A 22 -16.15 -13.82 -29.04
N GLN A 23 -15.77 -15.07 -28.81
CA GLN A 23 -16.59 -16.29 -29.10
C GLN A 23 -17.57 -16.58 -27.95
N GLU A 24 -17.23 -16.26 -26.70
CA GLU A 24 -18.17 -16.40 -25.56
C GLU A 24 -19.32 -15.39 -25.73
N HIS A 25 -19.13 -14.39 -26.60
CA HIS A 25 -20.12 -13.32 -26.88
C HIS A 25 -20.26 -13.13 -28.40
N GLU A 26 -20.44 -14.23 -29.14
CA GLU A 26 -20.54 -14.28 -30.64
C GLU A 26 -21.83 -13.57 -31.10
N THR A 27 -22.88 -13.63 -30.27
CA THR A 27 -24.18 -12.93 -30.50
C THR A 27 -24.13 -11.53 -29.85
N SER A 28 -23.08 -10.74 -30.09
CA SER A 28 -22.87 -9.39 -29.48
C SER A 28 -21.69 -8.61 -30.10
N TRP A 29 -20.59 -9.28 -30.46
CA TRP A 29 -19.33 -8.62 -30.93
C TRP A 29 -19.66 -7.49 -31.93
N HIS A 30 -19.07 -6.30 -31.75
CA HIS A 30 -19.23 -5.15 -32.67
C HIS A 30 -18.06 -4.17 -32.54
N TYR A 31 -17.34 -3.94 -33.64
CA TYR A 31 -16.20 -2.98 -33.70
C TYR A 31 -16.75 -1.55 -33.72
N ASP A 32 -17.14 -1.04 -32.56
CA ASP A 32 -17.61 0.35 -32.37
C ASP A 32 -16.58 1.32 -32.99
N GLN A 33 -17.08 2.36 -33.67
CA GLN A 33 -16.29 3.41 -34.37
C GLN A 33 -16.28 4.69 -33.52
N ASP A 34 -17.12 4.75 -32.48
CA ASP A 34 -17.27 5.91 -31.55
C ASP A 34 -16.64 5.55 -30.19
N HIS A 35 -15.51 4.83 -30.17
CA HIS A 35 -14.82 4.38 -28.94
C HIS A 35 -13.92 5.51 -28.42
N PRO A 36 -13.93 5.79 -27.09
CA PRO A 36 -13.17 6.90 -26.52
C PRO A 36 -11.63 6.78 -26.49
N TYR A 37 -11.07 5.62 -26.85
CA TYR A 37 -9.65 5.25 -26.59
C TYR A 37 -8.76 5.92 -27.63
N LYS A 38 -7.79 6.70 -27.16
CA LYS A 38 -6.63 7.17 -27.97
C LYS A 38 -5.40 6.32 -27.65
N THR A 39 -5.05 6.15 -26.37
CA THR A 39 -3.75 5.59 -25.92
C THR A 39 -3.83 4.07 -25.72
N TRP A 40 -5.02 3.55 -25.39
CA TRP A 40 -5.35 2.10 -25.38
C TRP A 40 -5.74 1.64 -26.79
N ALA A 41 -5.13 0.56 -27.30
CA ALA A 41 -5.59 -0.17 -28.50
C ALA A 41 -6.95 -0.83 -28.20
N TYR A 42 -7.95 -0.50 -29.00
CA TYR A 42 -9.34 -1.01 -28.95
C TYR A 42 -9.45 -2.21 -29.90
N HIS A 43 -10.31 -3.18 -29.56
CA HIS A 43 -10.46 -4.47 -30.29
C HIS A 43 -11.94 -4.79 -30.57
N GLY A 44 -12.85 -4.52 -29.62
CA GLY A 44 -14.29 -4.72 -29.82
C GLY A 44 -15.08 -4.59 -28.54
N SER A 45 -16.40 -4.85 -28.59
CA SER A 45 -17.36 -4.65 -27.49
C SER A 45 -18.37 -5.80 -27.47
N TYR A 46 -19.18 -5.90 -26.40
CA TYR A 46 -20.23 -6.94 -26.19
C TYR A 46 -21.15 -6.49 -25.03
N GLU A 47 -22.33 -7.12 -24.90
CA GLU A 47 -23.47 -6.67 -24.04
C GLU A 47 -23.31 -7.16 -22.58
N THR A 48 -23.40 -6.24 -21.62
CA THR A 48 -23.43 -6.48 -20.15
C THR A 48 -24.32 -5.43 -19.50
N LYS A 49 -24.52 -5.48 -18.18
CA LYS A 49 -25.32 -4.49 -17.39
C LYS A 49 -25.16 -4.76 -15.89
N GLN A 50 -24.41 -3.91 -15.18
CA GLN A 50 -24.22 -3.97 -13.70
C GLN A 50 -23.60 -2.65 -13.22
N THR A 51 -23.26 -2.56 -11.92
CA THR A 51 -22.69 -1.36 -11.24
C THR A 51 -22.06 -0.41 -12.27
N ALA A 54 -20.94 -0.91 -5.85
CA ALA A 54 -20.59 -1.15 -4.43
C ALA A 54 -20.02 0.13 -3.79
N SER A 55 -20.86 0.84 -3.01
CA SER A 55 -20.50 2.07 -2.24
C SER A 55 -20.26 1.73 -0.76
N SER A 56 -19.97 2.74 0.06
CA SER A 56 -19.44 2.61 1.45
C SER A 56 -20.54 2.90 2.48
N MET A 57 -20.75 1.97 3.42
CA MET A 57 -21.80 2.04 4.49
C MET A 57 -21.21 2.61 5.78
N VAL A 58 -22.03 3.20 6.66
CA VAL A 58 -21.56 3.72 7.97
C VAL A 58 -21.59 2.60 9.03
N ASN A 59 -20.53 2.54 9.84
CA ASN A 59 -20.42 1.68 11.04
C ASN A 59 -21.14 2.35 12.20
N GLY A 60 -22.30 1.83 12.59
CA GLY A 60 -23.15 2.48 13.58
C GLY A 60 -22.56 2.41 14.97
N VAL A 61 -21.80 1.36 15.27
CA VAL A 61 -21.16 1.24 16.60
C VAL A 61 -20.19 2.40 16.76
N VAL A 62 -19.31 2.64 15.77
CA VAL A 62 -18.30 3.74 15.89
C VAL A 62 -19.04 5.09 15.90
N ARG A 63 -19.99 5.31 14.99
CA ARG A 63 -20.67 6.62 14.88
C ARG A 63 -21.41 6.94 16.18
N LEU A 64 -22.12 6.00 16.81
CA LEU A 64 -22.86 6.30 18.07
C LEU A 64 -21.86 6.69 19.17
N LEU A 65 -20.62 6.23 19.10
CA LEU A 65 -19.64 6.51 20.19
C LEU A 65 -18.72 7.68 19.82
N THR A 66 -18.98 8.38 18.70
CA THR A 66 -18.24 9.58 18.27
C THR A 66 -19.23 10.69 17.87
N LYS A 67 -20.20 10.95 18.72
CA LYS A 67 -21.29 11.92 18.41
C LYS A 67 -20.77 13.32 18.09
N PRO A 68 -19.80 13.94 18.80
CA PRO A 68 -19.37 15.30 18.46
C PRO A 68 -18.97 15.47 16.99
N TRP A 69 -18.52 14.38 16.34
CA TRP A 69 -17.99 14.41 14.95
C TRP A 69 -19.16 14.35 13.96
N ASP A 70 -20.40 14.17 14.43
CA ASP A 70 -21.61 14.16 13.54
C ASP A 70 -21.81 15.51 12.85
N ILE A 71 -21.17 16.59 13.33
CA ILE A 71 -21.35 17.97 12.81
C ILE A 71 -20.03 18.48 12.20
N ILE A 72 -19.01 17.63 12.04
CA ILE A 72 -17.71 18.00 11.41
C ILE A 72 -17.73 17.52 9.96
N PRO A 73 -17.90 18.42 8.96
CA PRO A 73 -17.97 18.02 7.56
C PRO A 73 -16.79 17.19 7.06
N MET A 74 -15.58 17.44 7.54
CA MET A 74 -14.41 16.61 7.11
C MET A 74 -14.66 15.13 7.47
N VAL A 75 -15.36 14.84 8.58
CA VAL A 75 -15.70 13.44 8.96
C VAL A 75 -16.89 12.95 8.14
N THR A 76 -18.01 13.68 8.13
CA THR A 76 -19.32 13.20 7.61
C THR A 76 -19.23 13.07 6.09
N GLN A 77 -18.45 13.94 5.43
CA GLN A 77 -18.37 13.97 3.95
C GLN A 77 -17.60 12.74 3.46
N MET A 78 -16.71 12.18 4.29
CA MET A 78 -15.89 11.01 3.89
C MET A 78 -16.78 9.81 3.59
N ALA A 79 -17.99 9.72 4.17
CA ALA A 79 -18.88 8.53 4.01
C ALA A 79 -19.83 8.67 2.81
N MET A 80 -19.86 9.81 2.11
CA MET A 80 -20.81 10.04 0.98
C MET A 80 -20.20 9.60 -0.37
N THR A 81 -21.03 9.09 -1.29
CA THR A 81 -20.78 9.10 -2.76
C THR A 81 -20.57 7.71 -3.34
N PHE A 92 -9.18 9.97 -11.79
CA PHE A 92 -9.31 10.67 -13.10
C PHE A 92 -9.06 9.65 -14.22
N LYS A 93 -10.13 9.12 -14.84
CA LYS A 93 -10.05 8.10 -15.92
C LYS A 93 -9.50 8.77 -17.20
N GLU A 94 -9.24 10.09 -17.14
CA GLU A 94 -8.43 10.88 -18.10
C GLU A 94 -6.93 10.73 -17.79
N LYS A 95 -6.57 9.96 -16.76
CA LYS A 95 -5.16 9.67 -16.36
C LYS A 95 -4.71 8.32 -16.92
N VAL A 96 -5.59 7.31 -16.93
CA VAL A 96 -5.29 5.95 -17.49
C VAL A 96 -5.19 6.07 -19.02
N ASP A 97 -5.93 6.99 -19.63
CA ASP A 97 -5.89 7.26 -21.10
C ASP A 97 -4.88 8.40 -21.37
N THR A 98 -3.67 8.32 -20.79
CA THR A 98 -2.49 9.18 -21.11
C THR A 98 -1.35 8.31 -21.67
N ARG A 99 -0.32 8.93 -22.24
CA ARG A 99 0.85 8.26 -22.86
C ARG A 99 2.15 8.83 -22.26
N THR A 100 3.13 7.97 -21.96
CA THR A 100 4.47 8.35 -21.44
C THR A 100 5.51 8.15 -22.54
N GLN A 101 6.38 9.15 -22.77
CA GLN A 101 7.35 9.15 -23.89
C GLN A 101 8.51 8.20 -23.58
N GLU A 102 9.16 7.69 -24.63
CA GLU A 102 10.40 6.88 -24.54
C GLU A 102 11.52 7.73 -23.91
N PRO A 103 12.12 7.29 -22.78
CA PRO A 103 13.27 8.01 -22.23
C PRO A 103 14.42 8.10 -23.24
N LYS A 104 15.27 9.13 -23.12
CA LYS A 104 16.52 9.29 -23.88
C LYS A 104 17.47 8.12 -23.61
N GLU A 105 18.49 7.98 -24.44
CA GLU A 105 19.42 6.83 -24.44
C GLU A 105 20.24 6.85 -23.17
N GLY A 106 20.68 8.02 -22.71
CA GLY A 106 21.45 8.16 -21.45
C GLY A 106 20.62 7.70 -20.25
N THR A 107 19.35 8.11 -20.18
CA THR A 107 18.38 7.71 -19.13
C THR A 107 18.24 6.18 -19.11
N LYS A 108 17.92 5.59 -20.26
CA LYS A 108 17.78 4.11 -20.44
C LYS A 108 19.04 3.36 -19.96
N LYS A 109 20.24 3.89 -20.23
CA LYS A 109 21.51 3.25 -19.80
C LYS A 109 21.63 3.31 -18.26
N LEU A 110 21.34 4.48 -17.66
CA LEU A 110 21.40 4.71 -16.18
C LEU A 110 20.44 3.71 -15.50
N MET A 111 19.23 3.57 -16.03
CA MET A 111 18.18 2.69 -15.44
C MET A 111 18.59 1.21 -15.52
N LYS A 112 19.13 0.77 -16.66
CA LYS A 112 19.52 -0.65 -16.91
C LYS A 112 20.67 -1.00 -15.97
N ILE A 113 21.72 -0.16 -15.91
CA ILE A 113 22.89 -0.37 -15.03
C ILE A 113 22.43 -0.46 -13.57
N THR A 114 21.56 0.47 -13.14
CA THR A 114 21.13 0.61 -11.72
C THR A 114 20.26 -0.59 -11.33
N ALA A 115 19.34 -0.96 -12.22
CA ALA A 115 18.43 -2.12 -12.07
C ALA A 115 19.24 -3.41 -11.92
N GLU A 116 20.21 -3.62 -12.83
CA GLU A 116 21.09 -4.82 -12.80
C GLU A 116 21.74 -4.88 -11.42
N TRP A 117 22.37 -3.81 -10.97
CA TRP A 117 23.05 -3.72 -9.67
C TRP A 117 22.04 -3.94 -8.53
N LEU A 118 20.82 -3.41 -8.65
CA LEU A 118 19.85 -3.44 -7.50
C LEU A 118 19.35 -4.88 -7.28
N TRP A 119 18.96 -5.59 -8.35
CA TRP A 119 18.55 -7.02 -8.26
C TRP A 119 19.69 -7.87 -7.66
N LYS A 120 20.94 -7.62 -8.07
CA LYS A 120 22.10 -8.33 -7.46
C LYS A 120 22.14 -8.05 -5.97
N GLU A 121 22.01 -6.80 -5.53
CA GLU A 121 22.10 -6.50 -4.08
C GLU A 121 20.95 -7.16 -3.34
N LEU A 122 19.75 -7.14 -3.92
CA LEU A 122 18.54 -7.68 -3.23
C LEU A 122 18.69 -9.20 -3.14
N GLY A 123 19.37 -9.79 -4.13
CA GLY A 123 19.55 -11.24 -4.28
C GLY A 123 20.71 -11.81 -3.48
N LYS A 124 21.61 -10.98 -2.93
CA LYS A 124 22.82 -11.47 -2.22
C LYS A 124 22.45 -12.43 -1.08
N LYS A 125 21.38 -12.17 -0.33
CA LYS A 125 21.02 -12.94 0.88
C LYS A 125 19.62 -13.56 0.74
N LYS A 126 19.11 -13.70 -0.48
CA LYS A 126 17.78 -14.30 -0.74
C LYS A 126 17.90 -15.26 -1.91
N THR A 127 17.03 -16.28 -1.93
CA THR A 127 16.90 -17.26 -3.03
C THR A 127 15.53 -17.15 -3.66
N PRO A 128 15.40 -16.74 -4.92
CA PRO A 128 14.11 -16.80 -5.60
C PRO A 128 13.57 -18.25 -5.55
N ARG A 129 12.27 -18.41 -5.39
CA ARG A 129 11.62 -19.74 -5.32
C ARG A 129 10.14 -19.59 -5.68
N MET A 130 9.53 -20.68 -6.15
CA MET A 130 8.09 -20.69 -6.47
C MET A 130 7.29 -20.73 -5.18
N CYS A 131 6.15 -20.05 -5.17
CA CYS A 131 5.13 -20.14 -4.10
C CYS A 131 4.16 -21.26 -4.50
N THR A 132 3.47 -21.87 -3.54
CA THR A 132 2.76 -23.17 -3.77
C THR A 132 1.26 -23.00 -3.65
N ARG A 133 0.51 -23.90 -4.31
CA ARG A 133 -0.95 -24.12 -4.14
C ARG A 133 -1.28 -24.10 -2.64
N GLU A 134 -0.47 -24.84 -1.87
CA GLU A 134 -0.64 -24.98 -0.40
C GLU A 134 -0.60 -23.57 0.20
N GLU A 135 0.45 -22.78 -0.08
CA GLU A 135 0.59 -21.39 0.46
C GLU A 135 -0.58 -20.51 -0.02
N PHE A 136 -0.95 -20.64 -1.30
CA PHE A 136 -2.05 -19.86 -1.92
C PHE A 136 -3.37 -20.22 -1.22
N THR A 137 -3.60 -21.52 -1.02
CA THR A 137 -4.83 -22.06 -0.38
C THR A 137 -5.00 -21.45 1.02
N ARG A 138 -3.94 -21.48 1.83
CA ARG A 138 -3.99 -20.97 3.22
C ARG A 138 -4.26 -19.46 3.19
N LYS A 139 -3.69 -18.74 2.21
CA LYS A 139 -3.91 -17.28 2.05
C LYS A 139 -5.41 -17.00 1.90
N VAL A 140 -6.08 -17.68 0.95
CA VAL A 140 -7.50 -17.42 0.60
C VAL A 140 -8.39 -17.80 1.80
N ARG A 141 -7.95 -18.77 2.61
CA ARG A 141 -8.73 -19.31 3.76
C ARG A 141 -8.55 -18.42 5.00
N SER A 142 -7.75 -17.35 4.92
CA SER A 142 -7.57 -16.37 6.02
C SER A 142 -7.64 -14.91 5.51
N ASN A 143 -8.02 -14.71 4.24
CA ASN A 143 -8.45 -13.40 3.66
C ASN A 143 -7.31 -12.38 3.63
N ALA A 144 -6.54 -12.36 2.53
CA ALA A 144 -5.81 -11.18 2.03
C ALA A 144 -6.72 -10.51 0.99
N ALA A 145 -6.20 -9.56 0.20
CA ALA A 145 -6.96 -8.87 -0.88
C ALA A 145 -6.32 -9.19 -2.25
N LEU A 146 -6.37 -10.45 -2.68
CA LEU A 146 -5.75 -10.94 -3.95
C LEU A 146 -6.74 -10.71 -5.11
N GLY A 147 -7.11 -9.45 -5.36
CA GLY A 147 -8.18 -8.99 -6.27
C GLY A 147 -8.58 -10.03 -7.32
N ALA A 148 -9.53 -10.91 -6.98
CA ALA A 148 -10.11 -11.94 -7.86
C ALA A 148 -11.54 -11.53 -8.29
N ILE A 149 -12.31 -12.43 -8.89
CA ILE A 149 -13.73 -12.21 -9.33
C ILE A 149 -14.63 -13.32 -8.77
N PHE A 150 -15.95 -13.09 -8.75
CA PHE A 150 -17.00 -14.05 -8.31
C PHE A 150 -16.66 -15.46 -8.80
N ASN A 154 -19.24 -15.97 -13.71
CA ASN A 154 -18.93 -16.61 -12.40
C ASN A 154 -19.27 -18.11 -12.48
N LYS A 155 -18.51 -18.93 -11.74
CA LYS A 155 -18.51 -20.41 -11.83
C LYS A 155 -18.54 -21.02 -10.40
N TRP A 156 -17.66 -20.54 -9.50
CA TRP A 156 -17.69 -20.77 -8.02
C TRP A 156 -18.07 -19.45 -7.31
N LYS A 157 -18.74 -19.53 -6.15
CA LYS A 157 -19.18 -18.34 -5.37
C LYS A 157 -17.94 -17.52 -4.99
N SER A 158 -17.29 -17.86 -3.87
CA SER A 158 -16.12 -17.17 -3.31
C SER A 158 -14.83 -17.81 -3.84
N ALA A 159 -13.68 -17.23 -3.49
CA ALA A 159 -12.33 -17.80 -3.72
C ALA A 159 -12.19 -19.05 -2.85
N ARG A 160 -12.65 -18.95 -1.60
CA ARG A 160 -12.69 -20.04 -0.59
C ARG A 160 -13.11 -21.38 -1.23
N GLU A 161 -14.14 -21.39 -2.08
CA GLU A 161 -14.75 -22.63 -2.67
C GLU A 161 -13.90 -23.15 -3.84
N ALA A 162 -13.57 -22.27 -4.80
CA ALA A 162 -12.81 -22.59 -6.04
C ALA A 162 -11.54 -23.37 -5.69
N VAL A 163 -10.95 -23.07 -4.54
CA VAL A 163 -9.60 -23.51 -4.10
C VAL A 163 -9.62 -25.00 -3.73
N GLU A 164 -10.78 -25.55 -3.36
CA GLU A 164 -10.92 -26.99 -2.95
C GLU A 164 -11.31 -27.85 -4.16
N ASP A 165 -12.01 -27.28 -5.14
CA ASP A 165 -12.45 -27.97 -6.38
C ASP A 165 -11.24 -28.17 -7.31
N SER A 166 -10.94 -29.43 -7.63
CA SER A 166 -9.79 -29.86 -8.46
C SER A 166 -10.03 -29.53 -9.94
N GLY A 167 -11.27 -29.20 -10.33
CA GLY A 167 -11.59 -28.66 -11.66
C GLY A 167 -10.79 -27.40 -11.92
N PHE A 168 -10.99 -26.40 -11.06
CA PHE A 168 -10.18 -25.15 -10.96
C PHE A 168 -8.71 -25.45 -11.27
N TRP A 169 -8.07 -26.29 -10.47
CA TRP A 169 -6.61 -26.58 -10.59
C TRP A 169 -6.30 -27.18 -11.97
N GLU A 170 -7.26 -27.89 -12.60
CA GLU A 170 -7.10 -28.37 -14.00
C GLU A 170 -7.10 -27.16 -14.93
N LEU A 171 -7.96 -26.18 -14.67
CA LEU A 171 -8.01 -24.90 -15.43
C LEU A 171 -6.63 -24.23 -15.31
N VAL A 172 -6.14 -24.09 -14.06
CA VAL A 172 -4.80 -23.52 -13.73
C VAL A 172 -3.73 -24.28 -14.50
N ASP A 173 -3.77 -25.62 -14.47
CA ASP A 173 -2.79 -26.49 -15.19
C ASP A 173 -2.82 -26.15 -16.68
N LYS A 174 -4.00 -26.08 -17.29
CA LYS A 174 -4.10 -25.86 -18.77
C LYS A 174 -3.32 -24.58 -19.08
N GLU A 175 -3.61 -23.51 -18.33
CA GLU A 175 -2.99 -22.16 -18.52
C GLU A 175 -1.48 -22.24 -18.30
N ARG A 176 -1.07 -22.91 -17.23
CA ARG A 176 0.36 -23.05 -16.83
C ARG A 176 1.16 -23.67 -17.98
N ASN A 177 0.68 -24.77 -18.59
CA ASN A 177 1.37 -25.42 -19.73
C ASN A 177 1.38 -24.47 -20.94
N LEU A 178 0.31 -23.69 -21.10
CA LEU A 178 0.25 -22.62 -22.13
C LEU A 178 1.37 -21.60 -21.89
N HIS A 179 1.56 -21.13 -20.65
CA HIS A 179 2.66 -20.19 -20.29
C HIS A 179 4.04 -20.79 -20.62
N LEU A 180 4.25 -22.09 -20.37
CA LEU A 180 5.52 -22.80 -20.69
C LEU A 180 5.74 -22.82 -22.22
N GLU A 181 4.68 -22.80 -23.02
CA GLU A 181 4.79 -22.72 -24.51
C GLU A 181 5.11 -21.28 -24.93
N GLY A 182 4.86 -20.29 -24.06
CA GLY A 182 4.98 -18.85 -24.37
C GLY A 182 3.68 -18.28 -24.92
N LYS A 183 2.54 -18.81 -24.49
CA LYS A 183 1.18 -18.36 -24.93
C LYS A 183 0.28 -18.20 -23.69
N CYS A 184 -0.84 -17.47 -23.84
CA CYS A 184 -1.78 -17.10 -22.76
C CYS A 184 -3.21 -17.15 -23.30
N GLU A 185 -4.18 -17.66 -22.51
CA GLU A 185 -5.60 -17.76 -22.93
C GLU A 185 -6.53 -16.97 -21.99
N THR A 186 -6.35 -17.05 -20.67
CA THR A 186 -7.37 -16.58 -19.70
C THR A 186 -6.88 -15.45 -18.80
N CYS A 187 -5.63 -14.97 -18.93
CA CYS A 187 -5.05 -13.91 -18.04
C CYS A 187 -5.43 -12.52 -18.56
N VAL A 188 -6.63 -12.09 -18.21
CA VAL A 188 -7.29 -10.83 -18.70
C VAL A 188 -7.65 -9.95 -17.52
N TYR A 189 -7.31 -8.66 -17.59
CA TYR A 189 -7.58 -7.68 -16.51
C TYR A 189 -9.02 -7.19 -16.62
N ASN A 190 -9.58 -6.74 -15.50
CA ASN A 190 -10.94 -6.13 -15.36
C ASN A 190 -10.83 -4.83 -14.58
N MET A 191 -11.06 -3.68 -15.23
CA MET A 191 -10.91 -2.33 -14.65
C MET A 191 -12.14 -2.01 -13.79
N MET A 192 -12.01 -1.05 -12.85
CA MET A 192 -13.09 -0.60 -11.93
C MET A 192 -12.59 0.58 -11.09
N SER A 208 -7.71 8.98 -7.99
CA SER A 208 -6.37 8.40 -8.26
C SER A 208 -6.33 6.92 -7.83
N ARG A 209 -7.37 6.17 -8.20
CA ARG A 209 -7.55 4.73 -7.86
C ARG A 209 -8.35 4.04 -8.97
N ALA A 210 -7.68 3.20 -9.78
CA ALA A 210 -8.28 2.22 -10.71
C ALA A 210 -7.70 0.82 -10.41
N ILE A 211 -8.56 -0.16 -10.10
CA ILE A 211 -8.16 -1.49 -9.55
C ILE A 211 -8.45 -2.57 -10.59
N TRP A 212 -7.42 -3.35 -10.97
CA TRP A 212 -7.47 -4.37 -12.05
C TRP A 212 -7.61 -5.76 -11.44
N TYR A 213 -8.84 -6.24 -11.27
CA TYR A 213 -9.16 -7.62 -10.80
C TYR A 213 -8.88 -8.60 -11.94
N MET A 214 -8.37 -9.79 -11.61
CA MET A 214 -8.19 -10.96 -12.51
C MET A 214 -8.93 -12.16 -11.91
N TRP A 215 -9.22 -13.19 -12.69
CA TRP A 215 -9.75 -14.46 -12.14
C TRP A 215 -8.67 -15.16 -11.29
N LEU A 216 -9.11 -15.84 -10.25
CA LEU A 216 -8.25 -16.46 -9.20
C LEU A 216 -7.09 -17.25 -9.83
N GLY A 217 -7.36 -17.98 -10.91
CA GLY A 217 -6.36 -18.81 -11.60
C GLY A 217 -5.18 -17.99 -12.05
N ALA A 218 -5.43 -16.86 -12.72
CA ALA A 218 -4.39 -15.92 -13.18
C ALA A 218 -3.64 -15.34 -11.97
N ARG A 219 -4.34 -15.06 -10.87
CA ARG A 219 -3.74 -14.54 -9.60
C ARG A 219 -2.81 -15.61 -9.01
N PHE A 220 -3.19 -16.88 -9.09
CA PHE A 220 -2.34 -17.99 -8.59
C PHE A 220 -1.01 -18.00 -9.37
N LEU A 221 -1.10 -17.95 -10.70
CA LEU A 221 0.08 -18.06 -11.59
C LEU A 221 1.00 -16.85 -11.34
N GLU A 222 0.43 -15.67 -11.10
CA GLU A 222 1.23 -14.48 -10.70
C GLU A 222 1.93 -14.76 -9.36
N PHE A 223 1.20 -15.26 -8.35
CA PHE A 223 1.70 -15.58 -6.98
C PHE A 223 2.79 -16.68 -7.01
N GLU A 224 2.57 -17.72 -7.81
CA GLU A 224 3.52 -18.85 -8.03
C GLU A 224 4.88 -18.30 -8.45
N ALA A 225 4.86 -17.34 -9.37
CA ALA A 225 6.08 -16.90 -10.08
C ALA A 225 6.76 -15.76 -9.30
N LEU A 226 5.99 -14.89 -8.63
CA LEU A 226 6.52 -13.58 -8.12
C LEU A 226 6.19 -13.35 -6.65
N GLY A 227 5.41 -14.22 -6.03
CA GLY A 227 4.99 -14.09 -4.62
C GLY A 227 6.17 -14.08 -3.68
N PHE A 228 7.29 -14.66 -4.09
CA PHE A 228 8.50 -14.74 -3.22
C PHE A 228 8.93 -13.32 -2.82
N LEU A 229 8.70 -12.31 -3.67
CA LEU A 229 9.16 -10.93 -3.38
C LEU A 229 8.56 -10.47 -2.05
N ASN A 230 7.27 -10.70 -1.87
CA ASN A 230 6.53 -10.34 -0.63
C ASN A 230 6.74 -11.42 0.43
N GLU A 231 6.47 -12.69 0.08
CA GLU A 231 6.49 -13.82 1.06
C GLU A 231 7.86 -13.93 1.77
N ASP A 232 8.98 -13.67 1.07
CA ASP A 232 10.35 -13.81 1.61
C ASP A 232 10.98 -12.43 1.87
N HIS A 233 10.19 -11.36 1.85
CA HIS A 233 10.57 -10.06 2.47
C HIS A 233 11.81 -9.47 1.74
N TRP A 234 11.77 -9.41 0.42
CA TRP A 234 12.87 -8.85 -0.41
C TRP A 234 13.02 -7.34 -0.14
N PHE A 235 11.94 -6.66 0.24
CA PHE A 235 11.91 -5.20 0.47
C PHE A 235 11.87 -4.89 1.98
N SER A 236 12.20 -5.85 2.85
CA SER A 236 12.46 -5.58 4.28
C SER A 236 13.57 -4.52 4.37
N ARG A 237 13.63 -3.76 5.45
CA ARG A 237 14.74 -2.80 5.62
C ARG A 237 16.09 -3.55 5.71
N GLU A 238 16.15 -4.64 6.47
CA GLU A 238 17.40 -5.44 6.66
C GLU A 238 17.95 -5.84 5.28
N ASN A 239 17.09 -6.28 4.38
CA ASN A 239 17.55 -6.81 3.08
C ASN A 239 17.79 -5.73 2.01
N SER A 240 16.96 -4.69 1.92
CA SER A 240 16.95 -3.71 0.79
C SER A 240 17.54 -2.36 1.19
N LEU A 241 17.66 -2.08 2.49
CA LEU A 241 18.29 -0.86 3.10
C LEU A 241 17.36 0.37 2.96
N SER A 242 16.68 0.55 1.82
CA SER A 242 15.71 1.65 1.60
C SER A 242 14.30 1.24 2.02
N GLY A 243 14.00 -0.05 1.87
CA GLY A 243 12.62 -0.54 2.03
C GLY A 243 12.19 -0.55 3.48
N VAL A 244 10.89 -0.72 3.67
CA VAL A 244 10.21 -0.79 4.99
C VAL A 244 9.15 -1.91 4.96
N GLU A 245 9.22 -2.85 4.03
CA GLU A 245 8.14 -3.89 3.93
C GLU A 245 8.10 -4.68 5.23
N GLY A 246 6.91 -4.84 5.80
CA GLY A 246 6.72 -5.56 7.08
C GLY A 246 7.08 -4.72 8.30
N GLU A 247 7.44 -3.44 8.15
CA GLU A 247 8.02 -2.70 9.30
C GLU A 247 6.90 -2.38 10.32
N GLY A 248 5.77 -1.82 9.96
CA GLY A 248 4.79 -1.41 10.99
C GLY A 248 4.86 0.10 11.29
N LEU A 249 3.70 0.69 11.57
CA LEU A 249 3.49 2.14 11.75
C LEU A 249 4.19 2.63 13.03
N HIS A 250 4.46 1.72 13.98
CA HIS A 250 5.23 1.99 15.21
C HIS A 250 6.76 1.93 14.99
N LYS A 251 7.20 1.55 13.79
CA LYS A 251 8.65 1.54 13.42
C LYS A 251 8.98 2.72 12.47
N LEU A 252 8.05 3.12 11.62
CA LEU A 252 8.33 4.09 10.52
C LEU A 252 8.93 5.39 11.07
N GLY A 253 8.43 5.90 12.19
CA GLY A 253 8.96 7.14 12.78
C GLY A 253 10.39 6.98 13.22
N TYR A 254 10.71 5.86 13.87
CA TYR A 254 12.11 5.57 14.30
C TYR A 254 13.00 5.48 13.07
N ILE A 255 12.51 4.88 11.99
CA ILE A 255 13.29 4.74 10.75
C ILE A 255 13.59 6.13 10.17
N LEU A 256 12.59 7.01 10.04
CA LEU A 256 12.83 8.40 9.56
C LEU A 256 13.82 9.12 10.47
N ARG A 257 13.72 8.94 11.80
CA ARG A 257 14.66 9.60 12.74
C ARG A 257 16.07 9.06 12.51
N ASP A 258 16.23 7.76 12.22
CA ASP A 258 17.57 7.19 11.89
C ASP A 258 18.10 7.81 10.57
N VAL A 259 17.28 7.97 9.55
CA VAL A 259 17.72 8.67 8.31
C VAL A 259 18.19 10.11 8.66
N SER A 260 17.48 10.83 9.52
CA SER A 260 17.78 12.23 9.93
C SER A 260 19.17 12.33 10.54
N LYS A 261 19.69 11.27 11.14
CA LYS A 261 21.01 11.26 11.84
C LYS A 261 22.16 11.30 10.83
N LYS A 262 21.91 10.93 9.58
CA LYS A 262 22.91 10.98 8.48
C LYS A 262 23.28 12.44 8.22
N GLU A 263 24.56 12.70 8.00
CA GLU A 263 25.05 13.98 7.46
C GLU A 263 24.41 14.16 6.08
N GLY A 264 23.86 15.35 5.80
CA GLY A 264 23.37 15.67 4.45
C GLY A 264 22.51 16.91 4.44
N GLY A 265 21.71 17.09 3.40
CA GLY A 265 20.83 18.27 3.27
C GLY A 265 19.45 18.02 3.87
N ALA A 266 18.44 18.65 3.28
CA ALA A 266 17.03 18.57 3.74
C ALA A 266 16.55 17.14 3.50
N MET A 267 15.40 16.81 4.05
CA MET A 267 14.69 15.56 3.70
C MET A 267 13.67 15.90 2.60
N TYR A 268 13.71 15.17 1.49
CA TYR A 268 12.81 15.35 0.33
C TYR A 268 11.79 14.23 0.32
N ALA A 269 10.54 14.60 0.07
CA ALA A 269 9.40 13.68 0.04
C ALA A 269 8.47 14.14 -1.07
N ASP A 270 8.93 14.03 -2.32
CA ASP A 270 8.14 14.40 -3.51
C ASP A 270 7.28 13.22 -3.90
N ASP A 271 5.96 13.39 -3.88
CA ASP A 271 4.97 12.41 -4.44
C ASP A 271 5.04 12.52 -5.97
N THR A 272 4.85 11.40 -6.66
CA THR A 272 4.69 11.33 -8.13
C THR A 272 3.21 11.48 -8.45
N ALA A 273 2.90 12.17 -9.54
CA ALA A 273 1.53 12.29 -10.10
C ALA A 273 1.17 10.99 -10.83
N GLY A 274 0.27 10.19 -10.24
CA GLY A 274 -0.24 8.91 -10.77
C GLY A 274 0.88 7.95 -11.14
N TRP A 275 1.62 7.46 -10.15
CA TRP A 275 2.82 6.60 -10.35
C TRP A 275 2.52 5.43 -11.29
N ASP A 276 1.43 4.69 -11.08
CA ASP A 276 1.11 3.45 -11.84
C ASP A 276 0.97 3.77 -13.33
N THR A 277 0.46 4.97 -13.69
CA THR A 277 0.26 5.38 -15.10
C THR A 277 1.58 5.82 -15.74
N ARG A 278 2.65 6.05 -14.96
CA ARG A 278 3.95 6.56 -15.47
C ARG A 278 4.98 5.44 -15.57
N ILE A 279 4.61 4.19 -15.29
CA ILE A 279 5.51 3.03 -15.45
C ILE A 279 5.69 2.76 -16.95
N THR A 280 6.91 2.89 -17.45
CA THR A 280 7.24 2.81 -18.90
C THR A 280 7.50 1.35 -19.25
N LEU A 281 7.48 1.00 -20.54
CA LEU A 281 7.89 -0.36 -20.98
C LEU A 281 9.35 -0.58 -20.55
N GLU A 282 10.15 0.47 -20.49
CA GLU A 282 11.59 0.37 -20.07
C GLU A 282 11.66 -0.06 -18.59
N ASP A 283 10.78 0.49 -17.75
CA ASP A 283 10.64 0.11 -16.32
C ASP A 283 10.25 -1.38 -16.22
N LEU A 284 9.25 -1.83 -16.98
CA LEU A 284 8.74 -3.23 -16.99
C LEU A 284 9.86 -4.21 -17.39
N LYS A 285 10.74 -3.82 -18.32
CA LYS A 285 11.92 -4.62 -18.77
C LYS A 285 13.01 -4.63 -17.70
N ASN A 286 13.27 -3.53 -16.99
CA ASN A 286 14.27 -3.55 -15.89
C ASN A 286 13.75 -4.39 -14.72
N GLU A 287 12.45 -4.37 -14.46
CA GLU A 287 11.80 -5.22 -13.42
C GLU A 287 11.96 -6.71 -13.77
N GLU A 288 11.78 -7.07 -15.05
CA GLU A 288 11.87 -8.47 -15.56
C GLU A 288 13.26 -9.07 -15.32
N MET A 289 14.29 -8.25 -15.15
CA MET A 289 15.68 -8.72 -14.93
C MET A 289 15.79 -9.51 -13.62
N VAL A 290 14.79 -9.48 -12.73
CA VAL A 290 14.76 -10.42 -11.56
C VAL A 290 14.79 -11.87 -12.07
N THR A 291 14.23 -12.18 -13.25
CA THR A 291 14.26 -13.56 -13.85
C THR A 291 15.71 -14.02 -14.08
N ASN A 292 16.65 -13.10 -14.29
CA ASN A 292 18.09 -13.43 -14.46
C ASN A 292 18.64 -14.15 -13.23
N HIS A 293 17.92 -14.11 -12.10
CA HIS A 293 18.42 -14.66 -10.81
C HIS A 293 17.73 -16.01 -10.53
N MET A 294 16.92 -16.46 -11.47
CA MET A 294 16.02 -17.63 -11.30
C MET A 294 16.57 -18.81 -12.11
N GLU A 295 15.91 -19.95 -12.06
CA GLU A 295 16.39 -21.16 -12.79
C GLU A 295 15.23 -22.08 -13.13
N GLY A 296 15.50 -22.96 -14.10
CA GLY A 296 14.60 -24.06 -14.49
C GLY A 296 13.22 -23.51 -14.79
N GLU A 297 12.21 -24.23 -14.31
CA GLU A 297 10.77 -23.95 -14.49
C GLU A 297 10.45 -22.52 -14.01
N HIS A 298 10.84 -22.17 -12.79
CA HIS A 298 10.49 -20.88 -12.15
C HIS A 298 10.81 -19.75 -13.13
N LYS A 299 12.05 -19.72 -13.62
CA LYS A 299 12.54 -18.70 -14.57
C LYS A 299 11.57 -18.59 -15.76
N LYS A 300 11.12 -19.70 -16.32
CA LYS A 300 10.23 -19.69 -17.53
C LYS A 300 8.85 -19.20 -17.12
N LEU A 301 8.34 -19.68 -15.99
CA LEU A 301 7.02 -19.26 -15.44
C LEU A 301 7.02 -17.73 -15.16
N ALA A 302 8.07 -17.20 -14.52
CA ALA A 302 8.21 -15.76 -14.19
C ALA A 302 8.36 -14.96 -15.49
N GLU A 303 9.17 -15.45 -16.43
CA GLU A 303 9.36 -14.85 -17.77
C GLU A 303 8.01 -14.66 -18.46
N ALA A 304 7.13 -15.66 -18.34
CA ALA A 304 5.82 -15.67 -19.03
C ALA A 304 4.89 -14.63 -18.38
N ILE A 305 4.91 -14.49 -17.05
CA ILE A 305 4.08 -13.46 -16.37
C ILE A 305 4.51 -12.08 -16.91
N PHE A 306 5.82 -11.80 -16.93
CA PHE A 306 6.37 -10.49 -17.38
C PHE A 306 6.02 -10.22 -18.85
N LYS A 307 6.30 -11.19 -19.73
CA LYS A 307 6.09 -11.09 -21.20
C LYS A 307 4.59 -11.00 -21.53
N LEU A 308 3.76 -11.87 -20.98
CA LEU A 308 2.38 -12.11 -21.50
C LEU A 308 1.31 -11.31 -20.74
N THR A 309 1.53 -10.99 -19.46
CA THR A 309 0.50 -10.31 -18.62
C THR A 309 0.91 -8.87 -18.25
N TYR A 310 2.21 -8.54 -18.17
CA TYR A 310 2.69 -7.21 -17.69
C TYR A 310 3.10 -6.35 -18.90
N GLN A 311 3.94 -6.86 -19.80
CA GLN A 311 4.47 -6.10 -20.97
C GLN A 311 3.51 -6.20 -22.17
N ASN A 312 2.45 -6.99 -22.04
CA ASN A 312 1.26 -7.05 -22.94
C ASN A 312 0.05 -7.30 -22.05
N LYS A 313 -1.01 -6.51 -22.19
CA LYS A 313 -2.16 -6.54 -21.27
C LYS A 313 -3.45 -6.54 -22.09
N VAL A 314 -4.44 -7.26 -21.60
CA VAL A 314 -5.80 -7.32 -22.19
C VAL A 314 -6.72 -7.01 -21.03
N VAL A 315 -7.62 -6.05 -21.23
CA VAL A 315 -8.48 -5.50 -20.16
C VAL A 315 -9.91 -5.41 -20.69
N ARG A 316 -10.87 -5.68 -19.82
CA ARG A 316 -12.30 -5.44 -20.10
C ARG A 316 -12.75 -4.27 -19.20
N VAL A 317 -13.46 -3.29 -19.77
CA VAL A 317 -13.96 -2.07 -19.08
C VAL A 317 -15.47 -1.92 -19.36
N GLN A 318 -16.27 -1.57 -18.35
CA GLN A 318 -17.69 -1.11 -18.49
C GLN A 318 -17.73 0.18 -19.33
N ARG A 319 -18.83 0.43 -20.04
CA ARG A 319 -19.08 1.72 -20.74
C ARG A 319 -20.58 1.97 -20.86
N PRO A 320 -21.13 3.07 -20.29
CA PRO A 320 -22.58 3.32 -20.30
C PRO A 320 -23.29 3.54 -21.64
N THR A 321 -22.58 4.01 -22.67
CA THR A 321 -23.16 4.41 -23.98
C THR A 321 -23.80 3.20 -24.66
N THR A 325 -24.68 -0.24 -21.89
CA THR A 325 -23.48 -0.88 -21.26
C THR A 325 -22.90 -1.92 -22.22
N VAL A 326 -21.77 -1.59 -22.86
CA VAL A 326 -20.91 -2.54 -23.61
C VAL A 326 -19.61 -2.74 -22.83
N MET A 327 -19.14 -3.98 -22.75
CA MET A 327 -17.78 -4.33 -22.25
C MET A 327 -16.78 -4.09 -23.38
N ASP A 328 -15.85 -3.15 -23.17
CA ASP A 328 -14.75 -2.84 -24.12
C ASP A 328 -13.55 -3.74 -23.84
N ILE A 329 -12.91 -4.24 -24.89
CA ILE A 329 -11.71 -5.11 -24.81
C ILE A 329 -10.58 -4.33 -25.44
N ILE A 330 -9.66 -3.86 -24.60
CA ILE A 330 -8.56 -2.93 -24.97
C ILE A 330 -7.25 -3.55 -24.52
N SER A 331 -6.15 -3.12 -25.13
CA SER A 331 -4.78 -3.61 -24.85
C SER A 331 -3.83 -2.42 -24.74
N ARG A 332 -2.68 -2.62 -24.09
CA ARG A 332 -1.52 -1.70 -24.12
C ARG A 332 -0.33 -2.43 -23.48
N ARG A 333 0.87 -1.95 -23.78
CA ARG A 333 2.15 -2.60 -23.39
C ARG A 333 2.62 -2.08 -22.02
N ASP A 334 2.42 -0.80 -21.71
CA ASP A 334 3.05 -0.08 -20.57
C ASP A 334 2.03 0.16 -19.44
N GLN A 335 2.44 0.92 -18.42
CA GLN A 335 1.71 1.15 -17.15
C GLN A 335 1.73 -0.10 -16.27
N ARG A 336 1.34 0.09 -15.01
CA ARG A 336 1.27 -0.95 -13.98
C ARG A 336 -0.15 -1.49 -13.91
N GLY A 337 -0.25 -2.80 -14.10
CA GLY A 337 -1.38 -3.68 -13.84
C GLY A 337 -0.84 -5.04 -13.44
N SER A 338 -0.76 -5.27 -12.15
CA SER A 338 -0.39 -6.56 -11.49
C SER A 338 -1.34 -6.69 -10.31
N GLY A 339 -1.33 -7.83 -9.62
CA GLY A 339 -1.90 -7.92 -8.26
C GLY A 339 -1.34 -6.80 -7.40
N GLN A 340 -2.12 -6.34 -6.41
CA GLN A 340 -1.74 -5.15 -5.61
C GLN A 340 -0.46 -5.47 -4.83
N VAL A 341 -0.20 -6.74 -4.47
CA VAL A 341 0.97 -7.09 -3.62
C VAL A 341 2.25 -7.11 -4.47
N VAL A 342 2.19 -7.72 -5.67
CA VAL A 342 3.36 -7.67 -6.60
C VAL A 342 3.57 -6.23 -7.07
N THR A 343 2.50 -5.47 -7.31
CA THR A 343 2.57 -4.03 -7.65
C THR A 343 3.37 -3.29 -6.57
N TYR A 344 3.14 -3.58 -5.29
CA TYR A 344 3.86 -2.94 -4.17
C TYR A 344 5.38 -3.18 -4.33
N GLY A 345 5.80 -4.42 -4.55
CA GLY A 345 7.24 -4.75 -4.58
C GLY A 345 7.96 -4.13 -5.79
N LEU A 346 7.34 -4.18 -6.96
CA LEU A 346 7.95 -3.67 -8.22
C LEU A 346 7.95 -2.14 -8.18
N ASN A 347 6.90 -1.52 -7.64
CA ASN A 347 6.87 -0.07 -7.33
C ASN A 347 8.03 0.28 -6.40
N THR A 348 8.23 -0.44 -5.29
CA THR A 348 9.35 -0.16 -4.36
C THR A 348 10.69 -0.22 -5.12
N PHE A 349 10.87 -1.27 -5.93
CA PHE A 349 12.11 -1.53 -6.70
C PHE A 349 12.40 -0.36 -7.64
N THR A 350 11.42 0.02 -8.46
CA THR A 350 11.62 1.02 -9.53
C THR A 350 11.79 2.40 -8.89
N ASN A 351 11.13 2.65 -7.76
CA ASN A 351 11.27 3.93 -6.99
C ASN A 351 12.68 3.97 -6.36
N MET A 352 13.16 2.86 -5.81
CA MET A 352 14.55 2.81 -5.29
C MET A 352 15.52 3.19 -6.42
N GLU A 353 15.33 2.61 -7.60
CA GLU A 353 16.18 2.85 -8.80
C GLU A 353 16.09 4.34 -9.21
N ALA A 354 14.89 4.86 -9.39
CA ALA A 354 14.70 6.27 -9.76
C ALA A 354 15.37 7.19 -8.73
N GLN A 355 15.22 6.94 -7.42
CA GLN A 355 15.78 7.86 -6.40
C GLN A 355 17.32 7.76 -6.35
N LEU A 356 17.92 6.58 -6.53
CA LEU A 356 19.41 6.46 -6.63
C LEU A 356 19.90 7.28 -7.82
N ILE A 357 19.20 7.21 -8.94
CA ILE A 357 19.58 7.98 -10.16
C ILE A 357 19.44 9.49 -9.89
N ARG A 358 18.38 9.93 -9.22
CA ARG A 358 18.25 11.36 -8.87
C ARG A 358 19.41 11.76 -7.94
N GLN A 359 19.77 10.89 -6.99
CA GLN A 359 20.94 11.15 -6.11
C GLN A 359 22.21 11.23 -7.00
N MET A 360 22.38 10.36 -7.99
CA MET A 360 23.58 10.42 -8.88
C MET A 360 23.64 11.79 -9.58
N GLU A 361 22.51 12.25 -10.10
CA GLU A 361 22.42 13.53 -10.82
C GLU A 361 22.85 14.67 -9.89
N GLY A 362 22.42 14.65 -8.63
CA GLY A 362 22.75 15.72 -7.67
C GLY A 362 24.23 15.74 -7.33
N GLU A 363 24.87 14.57 -7.31
CA GLU A 363 26.31 14.43 -6.98
C GLU A 363 27.15 14.65 -8.26
N GLY A 364 26.54 14.95 -9.40
CA GLY A 364 27.25 15.18 -10.66
C GLY A 364 28.00 13.94 -11.16
N VAL A 365 27.44 12.74 -10.97
CA VAL A 365 28.06 11.45 -11.41
C VAL A 365 27.98 11.37 -12.93
N PHE A 366 26.93 11.92 -13.53
CA PHE A 366 26.72 12.05 -15.00
C PHE A 366 26.26 13.48 -15.30
N LYS A 367 26.53 13.96 -16.51
CA LYS A 367 26.39 15.39 -16.88
C LYS A 367 25.12 15.58 -17.71
N SER A 368 24.74 14.61 -18.54
CA SER A 368 23.56 14.72 -19.44
C SER A 368 22.87 13.38 -19.61
N ILE A 369 21.54 13.42 -19.72
CA ILE A 369 20.65 12.23 -19.90
C ILE A 369 20.64 11.84 -21.38
N GLN A 370 21.12 12.72 -22.26
CA GLN A 370 20.99 12.54 -23.73
C GLN A 370 21.77 11.29 -24.13
N HIS A 371 22.90 11.06 -23.47
CA HIS A 371 23.94 10.10 -23.90
C HIS A 371 24.94 9.92 -22.75
N LEU A 372 25.09 8.68 -22.30
CA LEU A 372 26.12 8.30 -21.30
C LEU A 372 27.38 7.92 -22.08
N THR A 373 28.50 8.60 -21.79
CA THR A 373 29.84 8.30 -22.35
C THR A 373 30.30 6.97 -21.78
N VAL A 374 31.46 6.46 -22.20
CA VAL A 374 31.98 5.16 -21.71
C VAL A 374 32.52 5.34 -20.30
N THR A 375 33.28 6.42 -20.06
CA THR A 375 33.87 6.75 -18.74
C THR A 375 32.75 7.13 -17.75
N GLU A 376 31.57 7.59 -18.23
CA GLU A 376 30.41 7.91 -17.36
C GLU A 376 29.76 6.60 -16.88
N GLU A 377 29.71 5.56 -17.72
CA GLU A 377 29.25 4.21 -17.30
C GLU A 377 30.16 3.67 -16.20
N ILE A 378 31.47 3.75 -16.39
CA ILE A 378 32.43 3.23 -15.38
C ILE A 378 32.25 4.05 -14.09
N ALA A 379 31.98 5.35 -14.19
CA ALA A 379 31.75 6.25 -13.03
C ALA A 379 30.47 5.82 -12.27
N VAL A 380 29.36 5.63 -12.99
CA VAL A 380 28.04 5.22 -12.43
C VAL A 380 28.24 3.85 -11.75
N LYS A 381 28.84 2.90 -12.46
CA LYS A 381 29.13 1.52 -11.96
C LYS A 381 29.94 1.63 -10.67
N ASN A 382 30.96 2.49 -10.67
CA ASN A 382 31.93 2.57 -9.55
C ASN A 382 31.28 3.28 -8.35
N TRP A 383 30.40 4.25 -8.61
CA TRP A 383 29.56 4.93 -7.58
C TRP A 383 28.69 3.87 -6.87
N LEU A 384 27.97 3.06 -7.63
CA LEU A 384 27.11 1.97 -7.08
C LEU A 384 27.96 1.03 -6.22
N VAL A 385 29.11 0.60 -6.72
CA VAL A 385 29.96 -0.39 -5.99
C VAL A 385 30.44 0.26 -4.71
N ARG A 386 30.87 1.51 -4.82
CA ARG A 386 31.59 2.26 -3.76
C ARG A 386 30.59 2.79 -2.71
N VAL A 387 29.44 3.38 -3.10
CA VAL A 387 28.55 4.10 -2.12
C VAL A 387 27.07 3.68 -2.25
N GLY A 388 26.74 2.77 -3.17
CA GLY A 388 25.36 2.33 -3.46
C GLY A 388 24.60 2.01 -2.19
N ARG A 389 25.17 1.19 -1.32
CA ARG A 389 24.48 0.71 -0.11
C ARG A 389 24.32 1.90 0.83
N GLU A 390 25.33 2.74 0.99
CA GLU A 390 25.21 3.95 1.84
C GLU A 390 24.06 4.84 1.33
N ARG A 391 23.92 5.01 0.01
CA ARG A 391 22.89 5.89 -0.60
C ARG A 391 21.50 5.26 -0.41
N LEU A 392 21.40 3.93 -0.37
CA LEU A 392 20.10 3.24 -0.16
C LEU A 392 19.65 3.49 1.27
N SER A 393 20.59 3.52 2.21
CA SER A 393 20.29 3.69 3.65
C SER A 393 19.81 5.11 3.93
N ARG A 394 19.95 6.04 2.97
CA ARG A 394 19.54 7.45 3.09
C ARG A 394 18.06 7.62 2.73
N MET A 395 17.40 6.51 2.41
CA MET A 395 16.02 6.55 1.90
C MET A 395 15.10 5.62 2.70
N ALA A 396 13.83 5.99 2.77
CA ALA A 396 12.71 5.15 3.21
C ALA A 396 11.69 5.13 2.05
N ILE A 397 11.44 3.96 1.48
CA ILE A 397 10.64 3.81 0.24
C ILE A 397 9.61 2.71 0.46
N SER A 398 8.35 3.08 0.28
CA SER A 398 7.18 2.19 0.39
C SER A 398 6.38 2.34 -0.90
N GLY A 399 6.54 1.39 -1.83
CA GLY A 399 5.94 1.49 -3.18
C GLY A 399 6.25 2.84 -3.80
N ASP A 400 5.23 3.63 -4.17
CA ASP A 400 5.46 4.91 -4.88
C ASP A 400 5.81 6.03 -3.88
N ASP A 401 5.86 5.75 -2.60
CA ASP A 401 6.10 6.79 -1.57
C ASP A 401 7.57 6.77 -1.16
N CYS A 402 8.23 7.93 -1.06
CA CYS A 402 9.65 8.00 -0.66
C CYS A 402 9.94 9.18 0.25
N VAL A 403 10.99 8.99 1.06
CA VAL A 403 11.72 10.05 1.78
C VAL A 403 13.21 9.82 1.48
N VAL A 404 13.91 10.87 1.03
CA VAL A 404 15.35 10.82 0.68
C VAL A 404 16.07 11.91 1.47
N LYS A 405 17.10 11.56 2.22
CA LYS A 405 18.07 12.52 2.79
C LYS A 405 19.36 12.46 1.99
N PRO A 406 19.48 13.27 0.92
CA PRO A 406 20.66 13.22 0.06
C PRO A 406 21.90 13.81 0.74
N LEU A 407 23.05 13.61 0.11
CA LEU A 407 24.35 14.18 0.54
C LEU A 407 24.22 15.72 0.76
N ASP A 408 23.45 16.42 -0.06
CA ASP A 408 23.31 17.91 0.06
C ASP A 408 22.14 18.38 -0.78
N ASP A 409 21.90 19.70 -0.85
CA ASP A 409 20.64 20.20 -1.45
C ASP A 409 20.74 20.36 -2.97
N ARG A 410 21.82 19.91 -3.61
CA ARG A 410 21.87 19.94 -5.11
C ARG A 410 20.78 19.01 -5.65
N PHE A 411 20.43 17.97 -4.88
CA PHE A 411 19.31 17.03 -5.16
C PHE A 411 18.03 17.81 -5.50
N ALA A 412 17.74 18.92 -4.81
CA ALA A 412 16.50 19.70 -4.97
C ALA A 412 16.26 20.10 -6.44
N SER A 413 17.31 20.45 -7.18
CA SER A 413 17.20 20.93 -8.59
C SER A 413 17.73 19.88 -9.57
N ALA A 414 17.94 18.63 -9.15
CA ALA A 414 18.40 17.55 -10.05
C ALA A 414 17.15 16.85 -10.59
N LEU A 415 16.62 17.36 -11.70
CA LEU A 415 15.24 17.03 -12.16
C LEU A 415 15.23 16.38 -13.55
N THR A 416 16.36 16.30 -14.27
CA THR A 416 16.32 15.93 -15.72
C THR A 416 16.03 14.44 -15.86
N ALA A 417 16.77 13.59 -15.12
CA ALA A 417 16.55 12.12 -15.19
C ALA A 417 15.14 11.78 -14.63
N LEU A 418 14.75 12.40 -13.53
CA LEU A 418 13.44 12.10 -12.87
C LEU A 418 12.30 12.42 -13.82
N ASN A 419 12.33 13.62 -14.43
CA ASN A 419 11.30 14.04 -15.42
C ASN A 419 11.37 13.11 -16.64
N ASP A 420 12.57 12.79 -17.15
CA ASP A 420 12.75 11.97 -18.38
C ASP A 420 12.35 10.51 -18.14
N MET A 421 12.46 9.98 -16.91
CA MET A 421 11.96 8.62 -16.57
C MET A 421 10.43 8.64 -16.55
N GLY A 422 9.81 9.81 -16.63
CA GLY A 422 8.34 10.00 -16.57
C GLY A 422 7.78 10.07 -15.15
N LYS A 423 8.64 10.08 -14.12
CA LYS A 423 8.26 10.20 -12.67
C LYS A 423 8.08 11.68 -12.29
N VAL A 424 7.13 12.33 -12.95
CA VAL A 424 6.82 13.78 -12.79
C VAL A 424 6.22 14.02 -11.41
N ARG A 425 6.75 15.01 -10.69
CA ARG A 425 6.34 15.32 -9.30
C ARG A 425 4.93 15.90 -9.35
N LYS A 426 4.14 15.64 -8.30
CA LYS A 426 2.74 16.12 -8.10
C LYS A 426 2.78 17.53 -7.48
N ASP A 427 1.94 18.46 -7.97
CA ASP A 427 1.64 19.76 -7.31
C ASP A 427 2.91 20.62 -7.15
N ILE A 428 3.70 20.73 -8.23
CA ILE A 428 4.88 21.63 -8.36
C ILE A 428 5.20 21.67 -9.85
N GLN A 429 5.70 22.80 -10.37
CA GLN A 429 5.97 22.98 -11.82
C GLN A 429 7.19 22.12 -12.21
N GLN A 430 7.15 21.59 -13.42
CA GLN A 430 8.07 20.52 -13.85
C GLN A 430 9.51 20.88 -13.46
N TRP A 431 9.93 22.15 -13.60
CA TRP A 431 11.38 22.52 -13.48
C TRP A 431 11.65 23.35 -12.22
N GLU A 432 10.68 23.47 -11.32
CA GLU A 432 10.80 24.19 -10.04
C GLU A 432 11.52 23.27 -9.04
N PRO A 433 12.57 23.74 -8.33
CA PRO A 433 13.28 22.90 -7.37
C PRO A 433 12.36 22.40 -6.25
N SER A 434 12.58 21.16 -5.80
CA SER A 434 11.82 20.52 -4.71
C SER A 434 11.98 21.34 -3.42
N ARG A 435 10.90 21.47 -2.65
CA ARG A 435 10.89 22.06 -1.28
C ARG A 435 11.08 20.91 -0.28
N GLY A 436 12.26 20.85 0.36
CA GLY A 436 12.59 19.84 1.37
C GLY A 436 12.19 20.24 2.78
N TRP A 437 12.39 19.34 3.73
CA TRP A 437 11.95 19.51 5.13
C TRP A 437 13.20 19.56 6.00
N ASN A 438 13.25 20.46 6.97
CA ASN A 438 14.41 20.63 7.88
C ASN A 438 14.25 19.81 9.14
N ASP A 439 13.06 19.28 9.42
CA ASP A 439 12.78 18.57 10.70
C ASP A 439 12.09 17.24 10.35
N TRP A 440 12.68 16.11 10.74
CA TRP A 440 12.14 14.77 10.42
C TRP A 440 10.70 14.64 10.96
N THR A 441 10.35 15.38 11.99
CA THR A 441 8.98 15.31 12.59
C THR A 441 7.90 15.97 11.74
N GLN A 442 8.28 16.65 10.64
CA GLN A 442 7.29 17.33 9.74
C GLN A 442 7.20 16.59 8.40
N VAL A 443 8.11 15.66 8.14
CA VAL A 443 8.12 14.90 6.85
C VAL A 443 6.87 14.03 6.74
N PRO A 444 6.15 14.10 5.61
CA PRO A 444 5.04 13.19 5.34
C PRO A 444 5.59 11.84 4.83
N PHE A 445 5.04 10.73 5.30
CA PHE A 445 5.36 9.36 4.82
C PHE A 445 4.20 8.44 5.16
N CYS A 446 3.73 7.67 4.16
CA CYS A 446 2.66 6.64 4.29
C CYS A 446 1.44 7.26 4.97
N SER A 447 1.06 8.47 4.56
CA SER A 447 -0.13 9.23 5.02
C SER A 447 0.02 9.70 6.49
N HIS A 448 1.23 9.68 7.05
CA HIS A 448 1.49 10.08 8.47
C HIS A 448 2.60 11.14 8.61
N HIS A 449 2.67 11.74 9.79
CA HIS A 449 3.89 12.40 10.34
C HIS A 449 4.15 11.74 11.71
N PHE A 450 5.28 12.06 12.31
CA PHE A 450 5.81 11.33 13.48
C PHE A 450 6.21 12.35 14.54
N HIS A 451 5.77 12.10 15.78
CA HIS A 451 6.07 12.96 16.95
C HIS A 451 7.12 12.23 17.79
N GLU A 452 8.02 13.00 18.42
CA GLU A 452 8.92 12.53 19.49
C GLU A 452 8.24 12.79 20.84
N LEU A 453 7.97 11.75 21.61
CA LEU A 453 7.16 11.87 22.84
C LEU A 453 7.94 11.24 24.01
N ILE A 454 8.23 12.03 25.03
CA ILE A 454 9.04 11.57 26.19
C ILE A 454 8.08 11.13 27.30
N MET A 455 8.25 9.89 27.74
CA MET A 455 7.49 9.30 28.86
C MET A 455 7.97 9.92 30.18
N LYS A 456 7.09 9.97 31.17
CA LYS A 456 7.38 10.53 32.52
C LYS A 456 8.69 9.92 33.06
N ASP A 457 9.04 8.70 32.64
CA ASP A 457 10.30 8.01 33.05
C ASP A 457 11.50 8.27 32.11
N GLY A 458 11.40 9.16 31.12
CA GLY A 458 12.54 9.57 30.28
C GLY A 458 12.69 8.72 29.02
N ARG A 459 11.99 7.59 28.88
CA ARG A 459 12.14 6.78 27.66
C ARG A 459 11.42 7.51 26.51
N VAL A 460 11.89 7.29 25.29
CA VAL A 460 11.46 8.08 24.10
C VAL A 460 10.63 7.20 23.18
N LEU A 461 9.39 7.62 22.95
CA LEU A 461 8.48 7.04 21.94
C LEU A 461 8.50 7.92 20.67
N VAL A 462 8.60 7.30 19.51
CA VAL A 462 8.39 7.99 18.20
C VAL A 462 7.10 7.42 17.64
N VAL A 463 6.07 8.24 17.61
CA VAL A 463 4.66 7.77 17.42
C VAL A 463 4.13 8.28 16.10
N PRO A 464 3.30 7.47 15.41
CA PRO A 464 2.65 7.90 14.18
C PRO A 464 1.44 8.81 14.45
N CYS A 465 1.15 9.71 13.50
CA CYS A 465 0.06 10.69 13.68
C CYS A 465 -0.48 11.13 12.31
N ARG A 466 -1.76 11.46 12.25
CA ARG A 466 -2.34 12.18 11.10
C ARG A 466 -3.56 12.94 11.61
N ASN A 467 -4.11 13.77 10.75
CA ASN A 467 -5.25 14.63 11.10
C ASN A 467 -6.36 13.72 11.67
N GLN A 468 -6.89 14.07 12.84
CA GLN A 468 -7.76 13.15 13.59
C GLN A 468 -9.09 12.99 12.86
N ASP A 469 -9.51 14.01 12.10
CA ASP A 469 -10.75 13.89 11.28
C ASP A 469 -10.61 12.69 10.33
N GLU A 470 -9.43 12.49 9.75
CA GLU A 470 -9.20 11.37 8.79
C GLU A 470 -9.34 10.04 9.56
N LEU A 471 -8.82 9.95 10.77
CA LEU A 471 -8.86 8.70 11.56
C LEU A 471 -10.30 8.36 11.95
N ILE A 472 -11.05 9.33 12.43
CA ILE A 472 -12.45 9.10 12.88
C ILE A 472 -13.33 8.80 11.66
N GLY A 473 -13.14 9.56 10.58
CA GLY A 473 -13.90 9.39 9.31
C GLY A 473 -13.72 8.00 8.69
N ARG A 474 -12.50 7.45 8.74
CA ARG A 474 -12.24 6.08 8.21
C ARG A 474 -12.90 5.03 9.12
N ALA A 475 -12.79 5.17 10.44
CA ALA A 475 -13.34 4.17 11.39
C ALA A 475 -14.87 4.12 11.26
N ARG A 476 -15.50 5.19 10.77
CA ARG A 476 -16.98 5.25 10.65
C ARG A 476 -17.46 4.58 9.36
N ILE A 477 -16.56 4.05 8.55
CA ILE A 477 -16.91 3.42 7.26
C ILE A 477 -16.65 1.92 7.31
N SER A 478 -17.61 1.15 6.78
CA SER A 478 -17.52 -0.31 6.51
C SER A 478 -17.62 -0.54 4.99
N GLN A 479 -16.97 -1.60 4.49
CA GLN A 479 -17.00 -1.97 3.04
C GLN A 479 -17.87 -3.22 2.86
N GLY A 480 -18.72 -3.24 1.82
CA GLY A 480 -19.60 -4.39 1.50
C GLY A 480 -20.88 -4.38 2.31
N ALA A 481 -21.76 -5.35 2.05
CA ALA A 481 -23.12 -5.49 2.60
C ALA A 481 -23.25 -6.84 3.34
N GLY A 482 -24.39 -7.05 3.99
CA GLY A 482 -24.72 -8.30 4.74
C GLY A 482 -24.01 -8.33 6.09
N TRP A 483 -23.61 -7.18 6.64
CA TRP A 483 -22.94 -7.12 7.95
C TRP A 483 -23.98 -7.30 9.05
N SER A 484 -23.82 -8.30 9.89
CA SER A 484 -24.63 -8.44 11.12
C SER A 484 -24.21 -7.34 12.11
N LEU A 485 -24.96 -7.15 13.19
CA LEU A 485 -24.62 -6.20 14.28
C LEU A 485 -23.33 -6.63 14.97
N ARG A 486 -23.18 -7.94 15.17
CA ARG A 486 -21.96 -8.53 15.78
C ARG A 486 -20.75 -8.24 14.89
N GLU A 487 -20.85 -8.45 13.57
CA GLU A 487 -19.68 -8.19 12.69
C GLU A 487 -19.34 -6.68 12.69
N THR A 488 -20.36 -5.82 12.65
CA THR A 488 -20.17 -4.35 12.69
C THR A 488 -19.45 -4.00 13.99
N ALA A 489 -19.87 -4.59 15.13
CA ALA A 489 -19.25 -4.30 16.44
C ALA A 489 -17.78 -4.73 16.44
N CYS A 490 -17.48 -5.90 15.84
CA CYS A 490 -16.11 -6.47 15.82
C CYS A 490 -15.18 -5.61 14.94
N LEU A 491 -15.67 -5.05 13.85
CA LEU A 491 -14.90 -4.07 13.03
C LEU A 491 -14.67 -2.78 13.85
N GLY A 492 -15.66 -2.30 14.60
CA GLY A 492 -15.45 -1.13 15.47
C GLY A 492 -14.34 -1.39 16.45
N LYS A 493 -14.34 -2.57 17.04
CA LYS A 493 -13.33 -3.02 18.03
C LYS A 493 -11.94 -3.07 17.40
N SER A 494 -11.81 -3.52 16.14
CA SER A 494 -10.52 -3.50 15.41
C SER A 494 -10.00 -2.07 15.33
N TYR A 495 -10.84 -1.09 14.95
CA TYR A 495 -10.40 0.34 14.89
C TYR A 495 -9.99 0.79 16.30
N ALA A 496 -10.81 0.50 17.30
CA ALA A 496 -10.55 0.94 18.70
C ALA A 496 -9.19 0.39 19.13
N GLN A 497 -8.91 -0.89 18.89
CA GLN A 497 -7.61 -1.50 19.33
C GLN A 497 -6.45 -0.89 18.50
N MET A 498 -6.64 -0.61 17.22
CA MET A 498 -5.59 0.06 16.44
C MET A 498 -5.29 1.41 17.11
N TRP A 499 -6.32 2.14 17.50
CA TRP A 499 -6.13 3.49 18.08
C TRP A 499 -5.35 3.40 19.41
N SER A 500 -5.70 2.43 20.27
CA SER A 500 -5.06 2.24 21.58
C SER A 500 -3.55 2.01 21.36
N LEU A 501 -3.22 1.24 20.30
CA LEU A 501 -1.81 0.82 20.00
C LEU A 501 -0.99 1.89 19.27
N MET A 502 -1.56 2.59 18.30
CA MET A 502 -0.82 3.50 17.38
C MET A 502 -1.08 4.96 17.78
N TYR A 503 -2.28 5.30 18.25
CA TYR A 503 -2.74 6.70 18.40
C TYR A 503 -3.13 7.01 19.85
N PHE A 504 -2.58 6.27 20.83
CA PHE A 504 -2.87 6.41 22.28
C PHE A 504 -2.59 7.85 22.76
N HIS A 505 -1.68 8.53 22.06
CA HIS A 505 -1.16 9.88 22.43
C HIS A 505 -2.17 10.98 22.05
N ARG A 506 -3.28 10.63 21.39
CA ARG A 506 -4.37 11.54 20.98
C ARG A 506 -5.49 11.37 22.02
N ARG A 507 -5.81 12.44 22.76
CA ARG A 507 -6.77 12.35 23.90
C ARG A 507 -8.12 11.81 23.40
N ASP A 508 -8.65 12.32 22.29
CA ASP A 508 -10.00 11.91 21.82
C ASP A 508 -10.00 10.42 21.42
N LEU A 509 -8.91 9.92 20.86
CA LEU A 509 -8.90 8.53 20.33
C LEU A 509 -8.70 7.55 21.50
N ARG A 510 -7.91 7.89 22.53
CA ARG A 510 -7.77 6.96 23.67
C ARG A 510 -9.12 6.84 24.38
N LEU A 511 -9.83 7.95 24.56
CA LEU A 511 -11.17 7.96 25.19
C LEU A 511 -12.15 7.19 24.29
N ALA A 512 -12.20 7.45 23.00
CA ALA A 512 -13.19 6.77 22.10
C ALA A 512 -12.86 5.26 22.01
N ALA A 513 -11.57 4.90 22.00
CA ALA A 513 -11.11 3.50 21.92
C ALA A 513 -11.60 2.72 23.15
N ASN A 514 -11.40 3.31 24.34
CA ASN A 514 -11.87 2.75 25.64
C ASN A 514 -13.39 2.63 25.63
N ALA A 515 -14.10 3.62 25.12
CA ALA A 515 -15.58 3.59 25.03
C ALA A 515 -16.00 2.44 24.10
N ILE A 516 -15.41 2.29 22.92
CA ILE A 516 -15.82 1.22 21.96
C ILE A 516 -15.51 -0.14 22.60
N CYS A 517 -14.34 -0.31 23.22
CA CYS A 517 -13.96 -1.61 23.83
C CYS A 517 -14.85 -1.90 25.05
N SER A 518 -15.45 -0.88 25.66
CA SER A 518 -16.41 -1.07 26.77
C SER A 518 -17.79 -1.45 26.22
N ALA A 519 -18.11 -1.02 25.00
CA ALA A 519 -19.48 -1.14 24.42
C ALA A 519 -19.64 -2.44 23.65
N VAL A 520 -18.53 -3.07 23.27
CA VAL A 520 -18.49 -4.36 22.53
C VAL A 520 -18.17 -5.47 23.53
N PRO A 521 -18.87 -6.63 23.46
CA PRO A 521 -18.61 -7.73 24.37
C PRO A 521 -17.11 -8.07 24.45
N SER A 522 -16.61 -8.23 25.68
CA SER A 522 -15.17 -8.37 26.01
C SER A 522 -14.52 -9.47 25.17
N HIS A 523 -15.20 -10.61 24.97
CA HIS A 523 -14.61 -11.79 24.29
C HIS A 523 -14.82 -11.81 22.77
N TRP A 524 -15.60 -10.89 22.19
CA TRP A 524 -15.83 -10.87 20.73
C TRP A 524 -14.53 -10.46 20.02
N VAL A 525 -14.22 -11.15 18.93
CA VAL A 525 -12.89 -11.07 18.26
C VAL A 525 -12.93 -9.95 17.21
N PRO A 526 -11.95 -9.03 17.21
CA PRO A 526 -11.83 -8.05 16.14
C PRO A 526 -11.69 -8.69 14.75
N THR A 527 -12.40 -8.13 13.77
CA THR A 527 -12.46 -8.64 12.37
C THR A 527 -12.20 -7.49 11.39
N SER A 528 -11.91 -7.85 10.13
CA SER A 528 -11.67 -6.91 9.00
C SER A 528 -11.89 -7.73 7.73
N ARG A 529 -12.17 -7.11 6.57
CA ARG A 529 -12.41 -7.86 5.30
C ARG A 529 -11.21 -7.71 4.33
N THR A 530 -10.21 -6.88 4.65
CA THR A 530 -8.84 -6.93 4.05
C THR A 530 -7.80 -6.64 5.15
N THR A 531 -6.68 -7.37 5.16
CA THR A 531 -5.67 -7.38 6.26
C THR A 531 -4.39 -6.70 5.78
N ALA A 536 2.41 -2.86 6.66
CA ALA A 536 2.05 -2.63 8.08
C ALA A 536 1.69 -3.96 8.75
N THR A 537 2.14 -4.14 9.99
CA THR A 537 1.88 -5.32 10.86
C THR A 537 0.73 -4.97 11.82
N HIS A 538 -0.23 -5.89 11.99
CA HIS A 538 -1.54 -5.63 12.63
C HIS A 538 -1.62 -6.31 14.00
N GLU A 539 -0.86 -5.78 14.97
CA GLU A 539 -0.81 -6.28 16.37
C GLU A 539 -2.11 -6.07 17.12
N TRP A 540 -3.01 -5.20 16.65
CA TRP A 540 -4.31 -4.91 17.30
C TRP A 540 -5.35 -6.01 17.01
N MET A 541 -5.09 -6.88 16.02
CA MET A 541 -6.02 -7.98 15.64
C MET A 541 -5.78 -9.17 16.59
N THR A 542 -6.39 -9.13 17.78
CA THR A 542 -6.14 -10.06 18.92
C THR A 542 -7.19 -9.81 20.01
N THR A 543 -7.43 -10.79 20.89
CA THR A 543 -8.30 -10.65 22.11
C THR A 543 -7.45 -10.50 23.37
N GLU A 544 -6.12 -10.52 23.23
CA GLU A 544 -5.19 -10.23 24.35
C GLU A 544 -5.47 -8.82 24.91
N ASP A 545 -5.11 -8.61 26.16
CA ASP A 545 -5.25 -7.32 26.86
C ASP A 545 -4.41 -6.29 26.09
N MET A 546 -4.96 -5.11 25.83
CA MET A 546 -4.27 -4.11 24.97
C MET A 546 -3.07 -3.54 25.71
N LEU A 547 -3.06 -3.46 27.05
CA LEU A 547 -1.85 -2.99 27.77
C LEU A 547 -0.70 -3.98 27.58
N THR A 548 -0.96 -5.30 27.57
CA THR A 548 0.08 -6.34 27.34
C THR A 548 0.66 -6.22 25.91
N VAL A 549 -0.18 -6.07 24.89
CA VAL A 549 0.26 -5.83 23.50
C VAL A 549 1.05 -4.50 23.41
N TRP A 550 0.59 -3.44 24.08
CA TRP A 550 1.32 -2.14 24.06
C TRP A 550 2.76 -2.39 24.54
N ASN A 551 2.91 -3.04 25.69
CA ASN A 551 4.23 -3.36 26.29
C ASN A 551 5.07 -4.17 25.31
N ARG A 552 4.50 -5.18 24.67
CA ARG A 552 5.29 -6.04 23.74
C ARG A 552 5.81 -5.15 22.59
N VAL A 553 4.94 -4.30 22.04
CA VAL A 553 5.20 -3.53 20.78
C VAL A 553 6.16 -2.36 21.06
N TRP A 554 5.89 -1.56 22.08
CA TRP A 554 6.58 -0.27 22.32
C TRP A 554 7.81 -0.48 23.21
N ILE A 555 7.89 -1.57 24.00
CA ILE A 555 9.00 -1.77 24.98
C ILE A 555 9.80 -3.02 24.58
N GLN A 556 9.22 -4.21 24.77
CA GLN A 556 9.94 -5.52 24.71
C GLN A 556 10.63 -5.64 23.35
N GLU A 557 9.89 -5.47 22.26
CA GLU A 557 10.32 -5.79 20.88
C GLU A 557 10.88 -4.54 20.18
N ASN A 558 10.93 -3.38 20.85
CA ASN A 558 11.30 -2.08 20.26
C ASN A 558 12.82 -1.96 20.28
N PRO A 559 13.52 -2.13 19.14
CA PRO A 559 14.98 -2.08 19.16
C PRO A 559 15.56 -0.72 19.53
N TRP A 560 14.76 0.36 19.55
CA TRP A 560 15.28 1.71 19.89
C TRP A 560 15.14 2.01 21.40
N MET A 561 14.53 1.10 22.18
CA MET A 561 14.27 1.24 23.63
C MET A 561 15.27 0.34 24.37
N GLU A 562 16.28 0.90 25.05
CA GLU A 562 17.31 0.07 25.76
C GLU A 562 16.72 -0.48 27.07
N ASP A 563 16.03 0.34 27.85
CA ASP A 563 15.43 -0.04 29.17
C ASP A 563 14.11 -0.78 28.93
N LYS A 564 14.01 -2.05 29.36
CA LYS A 564 12.88 -2.96 29.02
C LYS A 564 11.89 -3.04 30.19
N THR A 565 11.90 -2.07 31.10
CA THR A 565 10.97 -2.08 32.27
C THR A 565 9.54 -2.00 31.74
N PRO A 566 8.66 -2.98 32.04
CA PRO A 566 7.28 -2.95 31.55
C PRO A 566 6.53 -1.77 32.17
N VAL A 567 5.56 -1.24 31.43
CA VAL A 567 4.60 -0.21 31.91
C VAL A 567 3.46 -0.99 32.56
N GLU A 568 3.01 -0.55 33.74
CA GLU A 568 2.06 -1.28 34.64
C GLU A 568 0.64 -0.75 34.47
N SER A 569 0.46 0.48 33.95
CA SER A 569 -0.89 1.05 33.70
C SER A 569 -0.89 2.04 32.54
N TRP A 570 -2.08 2.29 31.99
CA TRP A 570 -2.26 3.25 30.86
C TRP A 570 -1.87 4.66 31.31
N GLU A 571 -1.89 4.99 32.59
CA GLU A 571 -1.59 6.36 33.05
C GLU A 571 -0.09 6.65 32.94
N GLU A 572 0.76 5.63 32.84
CA GLU A 572 2.23 5.77 32.55
C GLU A 572 2.46 6.22 31.09
N ILE A 573 1.46 6.08 30.23
CA ILE A 573 1.61 6.23 28.75
C ILE A 573 1.16 7.64 28.41
N PRO A 574 2.05 8.49 27.86
CA PRO A 574 1.80 9.91 27.73
C PRO A 574 0.93 10.27 26.51
N TYR A 575 0.49 11.52 26.48
CA TYR A 575 -0.21 12.19 25.36
C TYR A 575 0.73 13.21 24.71
N LEU A 576 0.45 13.62 23.48
CA LEU A 576 1.00 14.88 22.88
C LEU A 576 0.70 16.02 23.85
N GLY A 577 1.47 17.12 23.82
CA GLY A 577 1.03 18.41 24.40
C GLY A 577 -0.39 18.74 23.93
N LYS A 578 -1.14 19.40 24.81
CA LYS A 578 -2.55 19.83 24.60
C LYS A 578 -2.66 20.66 23.32
N ARG A 579 -1.71 21.55 23.03
CA ARG A 579 -1.78 22.43 21.85
C ARG A 579 -1.42 21.63 20.59
N GLU A 580 -0.43 20.75 20.67
CA GLU A 580 -0.08 19.82 19.55
C GLU A 580 -1.30 18.91 19.23
N ASP A 581 -2.02 18.45 20.23
CA ASP A 581 -3.20 17.57 20.04
C ASP A 581 -4.26 18.35 19.24
N GLN A 582 -4.47 19.62 19.60
CA GLN A 582 -5.46 20.49 18.91
C GLN A 582 -4.95 20.74 17.48
N TRP A 583 -3.66 21.08 17.31
CA TRP A 583 -3.07 21.28 15.95
C TRP A 583 -3.35 20.07 15.04
N CYS A 584 -3.29 18.84 15.58
CA CYS A 584 -3.52 17.60 14.79
C CYS A 584 -4.99 17.17 14.84
N GLY A 585 -5.89 18.08 15.23
CA GLY A 585 -7.34 17.93 14.97
C GLY A 585 -8.16 17.62 16.21
N SER A 586 -7.58 17.55 17.42
CA SER A 586 -8.35 17.27 18.65
C SER A 586 -9.48 18.27 18.84
N LEU A 587 -10.60 17.82 19.42
CA LEU A 587 -11.73 18.65 19.86
C LEU A 587 -11.64 19.05 21.34
N ILE A 588 -10.54 18.73 22.04
CA ILE A 588 -10.41 19.19 23.46
C ILE A 588 -10.67 20.70 23.49
N GLY A 589 -11.37 21.17 24.52
CA GLY A 589 -11.66 22.60 24.72
C GLY A 589 -12.97 23.01 24.05
N LEU A 590 -13.61 22.14 23.26
CA LEU A 590 -15.00 22.38 22.77
C LEU A 590 -16.01 21.86 23.80
N THR A 591 -17.15 22.57 23.89
CA THR A 591 -18.32 22.18 24.71
C THR A 591 -18.85 20.82 24.26
N SER A 592 -19.07 20.61 22.96
CA SER A 592 -19.52 19.31 22.41
C SER A 592 -18.67 18.14 22.95
N ARG A 593 -17.35 18.30 22.99
CA ARG A 593 -16.37 17.26 23.40
C ARG A 593 -16.48 17.05 24.92
N ALA A 594 -16.55 18.12 25.70
CA ALA A 594 -16.67 18.04 27.17
C ALA A 594 -17.94 17.26 27.57
N THR A 595 -19.05 17.48 26.88
CA THR A 595 -20.33 16.81 27.19
C THR A 595 -20.24 15.32 26.84
N TRP A 596 -19.60 15.05 25.70
CA TRP A 596 -19.35 13.67 25.21
C TRP A 596 -18.53 12.89 26.26
N ALA A 597 -17.39 13.43 26.67
CA ALA A 597 -16.48 12.80 27.67
C ALA A 597 -17.20 12.58 29.01
N LYS A 598 -17.79 13.64 29.54
CA LYS A 598 -18.49 13.63 30.87
C LYS A 598 -19.57 12.55 30.87
N ASN A 599 -20.34 12.43 29.79
CA ASN A 599 -21.52 11.53 29.68
C ASN A 599 -21.19 10.25 28.89
N ILE A 600 -19.94 9.84 28.82
CA ILE A 600 -19.54 8.69 27.92
C ILE A 600 -20.25 7.37 28.30
N GLN A 601 -20.48 7.13 29.60
CA GLN A 601 -21.14 5.89 30.09
C GLN A 601 -22.54 5.76 29.49
N THR A 602 -23.24 6.88 29.29
CA THR A 602 -24.58 6.89 28.66
C THR A 602 -24.53 6.42 27.20
N ALA A 603 -23.47 6.77 26.46
CA ALA A 603 -23.28 6.36 25.06
C ALA A 603 -22.93 4.89 25.03
N ILE A 604 -22.02 4.50 25.92
CA ILE A 604 -21.62 3.07 26.05
C ILE A 604 -22.89 2.24 26.29
N ASN A 605 -23.76 2.68 27.22
CA ASN A 605 -24.98 1.94 27.62
C ASN A 605 -25.96 1.92 26.43
N GLN A 606 -26.02 2.97 25.61
CA GLN A 606 -26.88 2.96 24.40
C GLN A 606 -26.47 1.78 23.51
N VAL A 607 -25.19 1.64 23.22
CA VAL A 607 -24.67 0.59 22.31
C VAL A 607 -24.88 -0.78 23.00
N ARG A 608 -24.59 -0.90 24.30
CA ARG A 608 -24.77 -2.20 25.02
C ARG A 608 -26.23 -2.65 24.93
N SER A 609 -27.19 -1.74 25.07
CA SER A 609 -28.65 -2.03 24.95
C SER A 609 -29.01 -2.53 23.54
N LEU A 610 -28.33 -2.05 22.51
CA LEU A 610 -28.63 -2.40 21.11
C LEU A 610 -28.11 -3.82 20.86
N ILE A 611 -26.90 -4.11 21.33
CA ILE A 611 -26.24 -5.42 21.15
C ILE A 611 -26.93 -6.47 22.04
N GLY A 612 -27.34 -6.12 23.27
CA GLY A 612 -28.13 -6.96 24.19
C GLY A 612 -27.34 -7.45 25.40
N ASN A 613 -27.84 -8.49 26.07
CA ASN A 613 -27.35 -8.99 27.37
C ASN A 613 -26.15 -9.90 27.15
N GLU A 614 -24.95 -9.32 27.17
CA GLU A 614 -23.67 -10.01 26.86
C GLU A 614 -22.72 -9.67 28.00
N GLU A 615 -21.54 -10.27 28.03
CA GLU A 615 -20.50 -9.94 29.04
C GLU A 615 -19.70 -8.74 28.51
N TYR A 616 -19.75 -7.61 29.22
CA TYR A 616 -19.02 -6.35 28.92
C TYR A 616 -18.02 -6.07 30.05
N THR A 617 -16.89 -5.43 29.69
CA THR A 617 -15.86 -4.85 30.61
C THR A 617 -15.92 -3.32 30.56
N ASP A 618 -15.77 -2.65 31.71
CA ASP A 618 -15.66 -1.17 31.77
C ASP A 618 -14.16 -0.81 31.68
N TYR A 619 -13.72 -0.28 30.53
CA TYR A 619 -12.31 0.17 30.35
C TYR A 619 -12.11 1.66 30.69
N MET A 620 -13.18 2.44 30.96
CA MET A 620 -13.03 3.90 31.20
C MET A 620 -12.20 4.21 32.46
N PRO A 621 -12.26 3.44 33.59
CA PRO A 621 -11.37 3.69 34.73
C PRO A 621 -9.85 3.49 34.53
N SER A 622 -9.40 3.00 33.35
CA SER A 622 -7.98 3.03 32.90
C SER A 622 -7.50 4.46 32.62
N MET A 623 -8.41 5.44 32.58
CA MET A 623 -8.11 6.88 32.40
C MET A 623 -8.29 7.60 33.75
N LYS A 624 -7.44 8.60 34.03
CA LYS A 624 -7.40 9.34 35.32
C LYS A 624 -8.80 9.89 35.66
N ARG A 625 -9.41 10.64 34.72
CA ARG A 625 -10.69 11.37 34.96
C ARG A 625 -11.87 10.44 35.32
N PHE A 626 -11.89 9.17 34.89
CA PHE A 626 -12.96 8.17 35.20
C PHE A 626 -12.54 7.28 36.37
N ARG A 627 -11.23 7.22 36.67
CA ARG A 627 -10.72 6.50 37.87
C ARG A 627 -11.23 7.28 39.08
N ARG A 628 -12.55 7.26 39.29
CA ARG A 628 -13.31 8.09 40.27
C ARG A 628 -13.08 9.58 39.95
ZN ZN B . 0.38 14.99 14.75
ZN ZN C . -2.12 -16.60 -19.05
O1 MES D . -28.00 -1.30 14.61
C2 MES D . -29.08 -0.43 14.30
C3 MES D . -28.61 0.75 13.50
N4 MES D . -27.55 1.49 14.23
C5 MES D . -26.46 0.55 14.62
C6 MES D . -27.03 -0.62 15.38
C7 MES D . -27.02 2.63 13.41
C8 MES D . -26.47 3.77 14.26
S MES D . -26.09 5.21 13.28
O1S MES D . -27.10 6.19 13.61
O2S MES D . -24.77 5.62 13.68
O3S MES D . -26.15 4.80 11.92
S DMS E . -9.11 -0.92 25.94
O DMS E . -8.02 -0.79 27.00
C1 DMS E . -8.84 -2.49 25.17
C2 DMS E . -8.51 0.07 24.58
S DMS F . -1.61 11.04 31.53
O DMS F . -0.98 9.76 31.05
C1 DMS F . -0.60 11.63 32.87
C2 DMS F . -3.03 10.56 32.48
S DMS G . -8.53 -2.01 10.55
O DMS G . -8.16 -3.40 10.95
C1 DMS G . -7.06 -1.32 9.84
C2 DMS G . -8.55 -1.08 12.04
P PO4 H . 5.87 11.35 0.13
O1 PO4 H . 5.41 12.91 0.24
O2 PO4 H . 6.91 11.11 -1.07
O3 PO4 H . 6.54 10.81 1.49
O4 PO4 H . 4.65 10.62 -0.16
P PO4 I . 16.04 -13.40 -19.84
O1 PO4 I . 14.92 -12.46 -20.33
O2 PO4 I . 17.41 -12.72 -19.97
O3 PO4 I . 15.80 -13.75 -18.36
O4 PO4 I . 16.03 -14.69 -20.66
C1 PEG J . 17.41 -0.86 13.71
O1 PEG J . 16.88 -2.05 14.26
C2 PEG J . 18.55 -0.33 14.51
O2 PEG J . 18.13 -0.21 15.87
C3 PEG J . 19.22 -0.12 16.79
C4 PEG J . 19.30 1.26 17.32
O4 PEG J . 19.05 1.32 18.72
S DMS K . -2.81 14.97 30.04
O DMS K . -3.02 16.44 29.78
C1 DMS K . -3.72 14.57 31.53
C2 DMS K . -1.16 14.80 30.69
N1 NUY L . -6.48 24.23 25.26
C4 NUY L . -5.75 24.24 26.54
C5 NUY L . -6.70 23.97 27.68
C6 NUY L . -8.04 22.55 26.23
C7 NUY L . -7.08 22.90 25.08
C8 NUY L . -7.29 21.71 28.47
C10 NUY L . -9.41 20.34 28.19
C1 NUY L . -4.86 25.90 24.34
C11 NUY L . -9.83 18.95 28.09
C12 NUY L . -8.79 18.11 28.15
C2 NUY L . -5.78 24.72 24.06
C3 NUY L . -5.06 23.62 23.29
C9 NUY L . -8.04 20.44 28.32
N2 NUY L . -7.33 22.66 27.51
O1 NUY L . -6.63 21.87 29.49
S1 NUY L . -7.29 18.89 28.34
#